data_4XZJ
#
_entry.id   4XZJ
#
_cell.length_a   49.700
_cell.length_b   52.000
_cell.length_c   100.400
_cell.angle_alpha   90.000
_cell.angle_beta   90.000
_cell.angle_gamma   90.000
#
_symmetry.space_group_name_H-M   'P 21 21 21'
#
loop_
_entity.id
_entity.type
_entity.pdbx_description
1 polymer 'Putative NAD(+)--arginine ADP-ribosyltransferase Vis'
2 non-polymer NICOTINAMIDE-ADENINE-DINUCLEOTIDE
3 water water
#
_entity_poly.entity_id   1
_entity_poly.type   'polypeptide(L)'
_entity_poly.pdbx_seq_one_letter_code
;MHHHHHHSSGRENLYFQGPFDAIKQPNRSEEEVTQLAEDFKDWSKASNGWRYSFITANEKEAVEDFSISGYQTANDYLRA
TDTSTWGVAGADARQYIRTVKSALNKLPKYKGTAYRGTWVKLSLLNKLEEGDVLVEPAFTSTSTLPEVAKRFSVVHPNSP
QRLKRVLFEVKINQGGHTIAGLSEYSKEAEVLFAPNAHFRITQIERTSNHTYIGVETVKASAVKNTQKYNLYSGEEVEA
;
_entity_poly.pdbx_strand_id   A
#
# COMPACT_ATOMS: atom_id res chain seq x y z
N GLY A 18 -4.87 -6.94 -24.08
CA GLY A 18 -5.45 -7.16 -22.71
C GLY A 18 -5.06 -6.07 -21.73
N PRO A 19 -6.00 -5.66 -20.84
CA PRO A 19 -5.77 -4.52 -19.94
C PRO A 19 -4.58 -4.68 -18.98
N PHE A 20 -4.28 -5.92 -18.59
CA PHE A 20 -3.15 -6.18 -17.73
C PHE A 20 -1.98 -6.88 -18.42
N ASP A 21 -1.98 -6.89 -19.75
CA ASP A 21 -0.89 -7.51 -20.51
C ASP A 21 0.47 -7.02 -20.06
N ALA A 22 0.66 -5.71 -19.89
CA ALA A 22 1.99 -5.16 -19.57
C ALA A 22 2.53 -5.69 -18.24
N ILE A 23 1.65 -5.86 -17.29
CA ILE A 23 2.07 -6.41 -16.02
C ILE A 23 2.10 -7.92 -15.95
N LYS A 24 1.39 -8.61 -16.85
CA LYS A 24 1.60 -10.07 -16.99
C LYS A 24 2.96 -10.39 -17.63
N GLN A 25 3.47 -9.45 -18.41
CA GLN A 25 4.73 -9.71 -19.14
C GLN A 25 5.91 -9.64 -18.19
N PRO A 26 7.08 -10.19 -18.63
CA PRO A 26 8.21 -10.18 -17.72
C PRO A 26 8.79 -8.76 -17.51
N ASN A 27 9.76 -8.72 -16.63
CA ASN A 27 10.25 -7.47 -16.10
C ASN A 27 11.29 -6.78 -16.95
N ARG A 28 11.36 -5.47 -16.79
CA ARG A 28 12.46 -4.70 -17.37
C ARG A 28 13.78 -5.09 -16.69
N SER A 29 14.91 -4.70 -17.28
CA SER A 29 16.23 -5.13 -16.80
C SER A 29 16.50 -4.54 -15.42
N GLU A 30 17.32 -5.22 -14.62
CA GLU A 30 17.86 -4.64 -13.39
C GLU A 30 18.41 -3.21 -13.56
N GLU A 31 19.21 -2.97 -14.62
CA GLU A 31 19.77 -1.64 -14.84
CA GLU A 31 19.78 -1.65 -14.86
C GLU A 31 18.66 -0.60 -14.95
N GLU A 32 17.64 -0.87 -15.75
CA GLU A 32 16.58 0.12 -15.93
C GLU A 32 15.73 0.32 -14.66
N VAL A 33 15.36 -0.77 -14.00
CA VAL A 33 14.54 -0.69 -12.78
C VAL A 33 15.28 0.08 -11.69
N THR A 34 16.56 -0.24 -11.52
CA THR A 34 17.43 0.49 -10.58
C THR A 34 17.51 1.98 -10.90
N GLN A 35 17.67 2.33 -12.18
CA GLN A 35 17.72 3.74 -12.62
C GLN A 35 16.41 4.47 -12.37
N LEU A 36 15.30 3.83 -12.74
CA LEU A 36 13.99 4.41 -12.50
C LEU A 36 13.78 4.65 -10.99
N ALA A 37 14.19 3.72 -10.14
CA ALA A 37 14.04 3.88 -8.70
C ALA A 37 14.91 5.03 -8.18
N GLU A 38 16.15 5.11 -8.67
CA GLU A 38 17.04 6.23 -8.30
CA GLU A 38 17.04 6.22 -8.31
C GLU A 38 16.45 7.56 -8.76
N ASP A 39 15.93 7.59 -9.99
CA ASP A 39 15.24 8.78 -10.49
C ASP A 39 14.07 9.18 -9.58
N PHE A 40 13.30 8.20 -9.12
CA PHE A 40 12.14 8.51 -8.29
C PHE A 40 12.58 9.05 -6.92
N LYS A 41 13.66 8.49 -6.37
CA LYS A 41 14.23 8.99 -5.12
C LYS A 41 14.67 10.45 -5.27
N ASP A 42 15.38 10.75 -6.35
CA ASP A 42 15.81 12.13 -6.65
C ASP A 42 14.67 13.12 -6.84
N TRP A 43 13.67 12.73 -7.64
CA TRP A 43 12.43 13.50 -7.77
C TRP A 43 11.74 13.74 -6.40
N SER A 44 11.69 12.70 -5.57
CA SER A 44 11.03 12.80 -4.27
C SER A 44 11.72 13.83 -3.38
N LYS A 45 13.05 13.78 -3.32
CA LYS A 45 13.81 14.77 -2.56
C LYS A 45 13.66 16.18 -3.13
N ALA A 46 13.69 16.30 -4.45
CA ALA A 46 13.56 17.57 -5.13
C ALA A 46 12.19 18.21 -4.93
N SER A 47 11.16 17.40 -4.68
CA SER A 47 9.77 17.87 -4.54
C SER A 47 9.39 18.22 -3.09
N ASN A 48 10.31 18.01 -2.16
CA ASN A 48 10.13 18.44 -0.80
C ASN A 48 9.75 19.91 -0.77
N GLY A 49 8.66 20.21 -0.06
CA GLY A 49 8.06 21.55 -0.04
C GLY A 49 8.16 22.20 1.33
N TRP A 50 7.38 23.27 1.52
CA TRP A 50 7.41 24.04 2.78
C TRP A 50 7.04 23.16 3.99
N ARG A 51 6.10 22.22 3.79
CA ARG A 51 5.70 21.28 4.86
C ARG A 51 6.88 20.42 5.36
N TYR A 52 7.78 20.09 4.44
CA TYR A 52 8.97 19.32 4.78
C TYR A 52 9.91 20.00 5.77
N SER A 53 9.99 21.35 5.76
CA SER A 53 10.85 22.04 6.75
C SER A 53 10.45 21.66 8.16
N PHE A 54 9.17 21.33 8.36
CA PHE A 54 8.65 21.03 9.68
C PHE A 54 8.77 19.55 10.06
N ILE A 55 9.51 18.73 9.29
CA ILE A 55 9.61 17.30 9.62
C ILE A 55 10.55 17.14 10.82
N THR A 56 10.11 16.45 11.87
CA THR A 56 10.94 16.33 13.08
C THR A 56 11.95 15.19 12.96
N ALA A 57 12.93 15.18 13.85
CA ALA A 57 13.91 14.10 13.87
C ALA A 57 13.23 12.75 14.08
N ASN A 58 12.29 12.71 15.01
CA ASN A 58 11.57 11.47 15.28
C ASN A 58 10.73 11.04 14.08
N GLU A 59 10.15 12.00 13.36
CA GLU A 59 9.34 11.68 12.19
C GLU A 59 10.21 11.11 11.08
N LYS A 60 11.39 11.68 10.91
CA LYS A 60 12.27 11.28 9.84
C LYS A 60 12.73 9.86 10.08
N GLU A 61 13.13 9.58 11.31
CA GLU A 61 13.56 8.24 11.70
C GLU A 61 12.43 7.21 11.60
N ALA A 62 11.24 7.59 12.05
CA ALA A 62 10.09 6.69 11.99
C ALA A 62 9.84 6.25 10.55
N VAL A 63 9.87 7.21 9.63
CA VAL A 63 9.64 6.90 8.23
C VAL A 63 10.82 6.11 7.60
N GLU A 64 12.04 6.52 7.90
CA GLU A 64 13.22 5.84 7.41
C GLU A 64 13.19 4.35 7.74
N ASP A 65 12.72 3.99 8.92
CA ASP A 65 12.74 2.59 9.30
C ASP A 65 11.42 1.85 9.07
N PHE A 66 10.42 2.58 8.62
CA PHE A 66 9.10 1.98 8.36
C PHE A 66 9.19 0.85 7.32
N SER A 67 9.97 1.09 6.26
CA SER A 67 10.09 0.12 5.15
C SER A 67 10.83 -1.13 5.54
N ILE A 68 11.73 -1.04 6.50
CA ILE A 68 12.53 -2.17 6.90
CA ILE A 68 12.52 -2.20 6.91
C ILE A 68 11.77 -3.02 7.94
N SER A 69 11.42 -2.39 9.05
CA SER A 69 10.83 -3.09 10.18
C SER A 69 9.53 -2.48 10.69
N GLY A 70 9.44 -1.15 10.72
CA GLY A 70 8.34 -0.50 11.43
C GLY A 70 6.97 -0.98 10.95
N TYR A 71 6.84 -1.22 9.63
CA TYR A 71 5.54 -1.59 9.03
C TYR A 71 4.99 -2.89 9.61
N GLN A 72 5.88 -3.77 10.01
CA GLN A 72 5.44 -5.07 10.53
C GLN A 72 4.67 -4.98 11.81
N THR A 73 5.12 -4.14 12.74
CA THR A 73 4.38 -3.89 13.98
C THR A 73 3.19 -2.94 13.75
N ALA A 74 3.38 -1.86 13.00
CA ALA A 74 2.30 -0.92 12.78
C ALA A 74 1.11 -1.54 12.09
N ASN A 75 1.38 -2.30 11.04
CA ASN A 75 0.29 -2.84 10.26
C ASN A 75 -0.43 -3.96 11.02
N ASP A 76 0.33 -4.76 11.75
CA ASP A 76 -0.25 -5.74 12.66
C ASP A 76 -1.21 -5.10 13.66
N TYR A 77 -0.76 -4.04 14.31
CA TYR A 77 -1.61 -3.28 15.24
C TYR A 77 -2.90 -2.82 14.57
N LEU A 78 -2.74 -2.21 13.39
CA LEU A 78 -3.88 -1.68 12.68
C LEU A 78 -4.87 -2.75 12.21
N ARG A 79 -4.40 -3.97 11.98
CA ARG A 79 -5.24 -5.08 11.47
C ARG A 79 -5.74 -6.00 12.59
N ALA A 80 -5.30 -5.75 13.81
CA ALA A 80 -5.59 -6.64 14.92
C ALA A 80 -7.07 -6.54 15.27
N THR A 81 -7.71 -7.68 15.52
CA THR A 81 -9.08 -7.65 16.08
C THR A 81 -9.08 -7.25 17.56
N ASP A 82 -7.97 -7.48 18.26
CA ASP A 82 -7.92 -7.22 19.69
C ASP A 82 -6.55 -6.70 20.08
N THR A 83 -6.46 -5.41 20.40
CA THR A 83 -5.19 -4.82 20.85
C THR A 83 -5.14 -4.65 22.36
N SER A 84 -6.18 -5.14 23.07
CA SER A 84 -6.30 -5.00 24.52
CA SER A 84 -6.27 -4.95 24.51
C SER A 84 -5.18 -5.72 25.25
N THR A 85 -4.56 -6.68 24.56
CA THR A 85 -3.55 -7.55 25.11
C THR A 85 -2.10 -7.04 24.92
N TRP A 86 -1.93 -5.91 24.22
CA TRP A 86 -0.62 -5.51 23.75
C TRP A 86 0.24 -4.87 24.84
N GLY A 87 -0.37 -4.35 25.90
CA GLY A 87 0.42 -3.76 26.98
C GLY A 87 1.22 -2.54 26.55
N VAL A 88 2.45 -2.45 27.03
CA VAL A 88 3.33 -1.34 26.67
C VAL A 88 3.50 -1.25 25.17
N ALA A 89 3.60 -2.41 24.49
CA ALA A 89 3.71 -2.46 23.02
C ALA A 89 2.60 -1.67 22.33
N GLY A 90 1.39 -1.68 22.91
CA GLY A 90 0.27 -1.00 22.29
C GLY A 90 0.43 0.53 22.34
N ALA A 91 0.94 1.04 23.44
CA ALA A 91 1.17 2.47 23.60
C ALA A 91 2.26 2.89 22.60
N ASP A 92 3.27 2.03 22.48
CA ASP A 92 4.38 2.28 21.57
C ASP A 92 3.90 2.26 20.11
N ALA A 93 3.10 1.25 19.75
CA ALA A 93 2.57 1.15 18.39
C ALA A 93 1.70 2.36 18.06
N ARG A 94 0.81 2.75 18.99
CA ARG A 94 -0.03 3.92 18.76
C ARG A 94 0.84 5.18 18.48
N GLN A 95 1.86 5.37 19.31
CA GLN A 95 2.78 6.50 19.12
C GLN A 95 3.48 6.47 17.75
N TYR A 96 3.98 5.31 17.38
CA TYR A 96 4.66 5.13 16.11
C TYR A 96 3.75 5.47 14.94
N ILE A 97 2.51 4.97 15.01
CA ILE A 97 1.51 5.24 13.96
C ILE A 97 1.21 6.73 13.85
N ARG A 98 0.98 7.40 15.00
CA ARG A 98 0.73 8.84 14.98
C ARG A 98 1.91 9.57 14.30
N THR A 99 3.12 9.11 14.62
CA THR A 99 4.34 9.75 14.16
C THR A 99 4.51 9.55 12.65
N VAL A 100 4.30 8.33 12.16
CA VAL A 100 4.41 8.10 10.72
C VAL A 100 3.31 8.89 9.96
N LYS A 101 2.07 8.92 10.47
CA LYS A 101 0.99 9.65 9.81
C LYS A 101 1.35 11.15 9.70
N SER A 102 1.91 11.70 10.76
CA SER A 102 2.28 13.12 10.80
C SER A 102 3.34 13.38 9.74
N ALA A 103 4.37 12.53 9.71
CA ALA A 103 5.45 12.66 8.74
C ALA A 103 4.93 12.56 7.30
N LEU A 104 4.07 11.57 7.04
CA LEU A 104 3.56 11.36 5.67
C LEU A 104 2.94 12.58 5.09
N ASN A 105 2.18 13.32 5.90
CA ASN A 105 1.52 14.54 5.43
C ASN A 105 2.49 15.65 5.10
N LYS A 106 3.75 15.53 5.54
CA LYS A 106 4.78 16.53 5.24
C LYS A 106 5.61 16.16 4.03
N LEU A 107 5.41 14.94 3.51
CA LEU A 107 6.14 14.46 2.35
C LEU A 107 5.40 14.73 1.02
N PRO A 108 6.14 14.71 -0.10
CA PRO A 108 5.49 15.08 -1.36
C PRO A 108 4.42 14.09 -1.75
N LYS A 109 3.35 14.64 -2.31
CA LYS A 109 2.28 13.82 -2.89
C LYS A 109 2.82 13.18 -4.19
N TYR A 110 2.29 12.01 -4.51
CA TYR A 110 2.47 11.38 -5.80
C TYR A 110 1.09 11.11 -6.39
N LYS A 111 0.90 11.46 -7.66
CA LYS A 111 -0.29 11.07 -8.40
C LYS A 111 0.17 10.52 -9.74
N GLY A 112 -0.56 9.53 -10.21
CA GLY A 112 -0.19 8.75 -11.36
C GLY A 112 -0.55 7.31 -11.06
N THR A 113 0.06 6.39 -11.80
CA THR A 113 -0.15 4.96 -11.54
C THR A 113 0.92 4.40 -10.58
N ALA A 114 0.47 3.51 -9.68
CA ALA A 114 1.36 2.69 -8.89
C ALA A 114 0.83 1.25 -8.81
N TYR A 115 1.56 0.40 -8.11
CA TYR A 115 1.31 -1.04 -8.11
C TYR A 115 1.51 -1.63 -6.75
N ARG A 116 0.71 -2.65 -6.44
CA ARG A 116 0.84 -3.35 -5.17
C ARG A 116 0.65 -4.82 -5.36
N GLY A 117 1.68 -5.58 -4.97
CA GLY A 117 1.61 -7.05 -4.99
C GLY A 117 1.26 -7.49 -3.60
N THR A 118 0.27 -8.39 -3.47
CA THR A 118 -0.20 -8.80 -2.17
C THR A 118 -0.93 -10.15 -2.28
N TRP A 119 -1.51 -10.54 -1.16
CA TRP A 119 -2.36 -11.70 -1.02
C TRP A 119 -3.68 -11.27 -0.41
N VAL A 120 -4.76 -11.94 -0.81
CA VAL A 120 -6.10 -11.64 -0.35
C VAL A 120 -6.87 -12.94 -0.13
N LYS A 121 -7.73 -12.95 0.89
CA LYS A 121 -8.63 -14.08 1.09
C LYS A 121 -9.43 -14.38 -0.17
N LEU A 122 -9.39 -15.62 -0.60
CA LEU A 122 -10.20 -16.09 -1.72
C LEU A 122 -11.68 -15.80 -1.48
N SER A 123 -12.13 -15.96 -0.23
CA SER A 123 -13.53 -15.68 0.10
C SER A 123 -13.97 -14.24 -0.18
N LEU A 124 -13.05 -13.27 -0.02
CA LEU A 124 -13.31 -11.88 -0.37
C LEU A 124 -13.25 -11.67 -1.86
N LEU A 125 -12.18 -12.16 -2.49
CA LEU A 125 -12.02 -12.05 -3.93
C LEU A 125 -13.24 -12.51 -4.68
N ASN A 126 -13.84 -13.61 -4.25
CA ASN A 126 -15.02 -14.15 -4.96
C ASN A 126 -16.26 -13.25 -4.91
N LYS A 127 -16.31 -12.30 -3.97
CA LYS A 127 -17.43 -11.32 -3.86
C LYS A 127 -17.27 -10.07 -4.72
N LEU A 128 -16.03 -9.76 -5.11
CA LEU A 128 -15.72 -8.44 -5.60
C LEU A 128 -16.24 -8.16 -7.00
N GLU A 129 -16.78 -6.96 -7.17
CA GLU A 129 -17.17 -6.46 -8.48
C GLU A 129 -16.64 -5.07 -8.70
N GLU A 130 -16.59 -4.67 -9.96
CA GLU A 130 -16.38 -3.28 -10.31
C GLU A 130 -17.30 -2.41 -9.51
N GLY A 131 -16.77 -1.30 -8.95
CA GLY A 131 -17.56 -0.39 -8.18
C GLY A 131 -17.47 -0.57 -6.69
N ASP A 132 -17.10 -1.75 -6.26
CA ASP A 132 -16.89 -2.03 -4.84
C ASP A 132 -15.67 -1.25 -4.39
N VAL A 133 -15.64 -0.94 -3.09
CA VAL A 133 -14.56 -0.15 -2.47
C VAL A 133 -13.85 -1.03 -1.46
N LEU A 134 -12.53 -1.07 -1.58
CA LEU A 134 -11.66 -1.81 -0.72
C LEU A 134 -11.01 -0.86 0.27
N VAL A 135 -11.07 -1.23 1.56
CA VAL A 135 -10.56 -0.38 2.62
C VAL A 135 -9.43 -1.14 3.28
N GLU A 136 -8.22 -0.57 3.25
CA GLU A 136 -7.07 -1.19 3.93
C GLU A 136 -6.91 -0.60 5.33
N PRO A 137 -7.04 -1.44 6.39
CA PRO A 137 -6.93 -0.92 7.75
C PRO A 137 -5.52 -0.47 8.12
N ALA A 138 -4.51 -1.11 7.52
CA ALA A 138 -3.10 -0.75 7.79
C ALA A 138 -2.67 0.40 6.89
N PHE A 139 -1.41 0.78 6.97
CA PHE A 139 -0.84 1.59 5.92
C PHE A 139 -0.87 0.75 4.62
N THR A 140 -0.92 1.40 3.47
CA THR A 140 -0.82 0.71 2.17
C THR A 140 0.47 1.09 1.44
N SER A 141 1.32 0.09 1.22
CA SER A 141 2.55 0.25 0.47
CA SER A 141 2.57 0.25 0.46
C SER A 141 2.30 -0.04 -1.02
N THR A 142 2.72 0.86 -1.87
CA THR A 142 2.73 0.67 -3.34
C THR A 142 4.10 1.06 -3.91
N SER A 143 4.36 0.64 -5.14
CA SER A 143 5.57 1.09 -5.88
C SER A 143 5.15 1.65 -7.22
N THR A 144 5.88 2.65 -7.72
CA THR A 144 5.64 3.08 -9.09
C THR A 144 6.10 2.04 -10.13
N LEU A 145 6.83 1.01 -9.67
CA LEU A 145 7.45 0.03 -10.53
C LEU A 145 6.77 -1.31 -10.35
N PRO A 146 6.14 -1.82 -11.43
CA PRO A 146 5.44 -3.09 -11.28
C PRO A 146 6.39 -4.22 -10.88
N GLU A 147 7.66 -4.13 -11.26
CA GLU A 147 8.69 -5.14 -10.93
C GLU A 147 8.84 -5.27 -9.41
N VAL A 148 8.84 -4.12 -8.73
CA VAL A 148 8.94 -4.15 -7.28
C VAL A 148 7.69 -4.75 -6.64
N ALA A 149 6.53 -4.29 -7.11
CA ALA A 149 5.26 -4.74 -6.55
C ALA A 149 5.13 -6.26 -6.65
N LYS A 150 5.51 -6.82 -7.80
CA LYS A 150 5.37 -8.26 -8.00
C LYS A 150 6.09 -9.05 -6.91
N ARG A 151 7.19 -8.52 -6.39
CA ARG A 151 8.02 -9.26 -5.43
C ARG A 151 7.26 -9.60 -4.15
N PHE A 152 6.16 -8.90 -3.90
CA PHE A 152 5.42 -9.06 -2.63
C PHE A 152 4.20 -9.98 -2.72
N SER A 153 4.07 -10.66 -3.86
CA SER A 153 3.03 -11.67 -4.02
C SER A 153 3.64 -13.04 -4.30
N VAL A 154 4.83 -13.29 -3.75
CA VAL A 154 5.60 -14.48 -4.09
C VAL A 154 5.45 -15.53 -2.97
N VAL A 155 5.63 -15.07 -1.73
CA VAL A 155 5.34 -15.89 -0.54
C VAL A 155 4.50 -15.09 0.46
N HIS A 156 3.92 -15.79 1.44
CA HIS A 156 3.27 -15.09 2.56
C HIS A 156 3.58 -15.80 3.88
N PRO A 157 3.48 -15.07 5.02
CA PRO A 157 3.61 -15.73 6.31
C PRO A 157 2.65 -16.91 6.44
N ASN A 158 3.04 -17.90 7.22
CA ASN A 158 2.08 -18.95 7.57
C ASN A 158 0.72 -18.31 7.83
N SER A 159 -0.35 -18.91 7.29
CA SER A 159 -1.71 -18.37 7.49
C SER A 159 -2.76 -19.49 7.53
N PRO A 160 -3.77 -19.34 8.42
CA PRO A 160 -4.86 -20.32 8.52
C PRO A 160 -5.96 -20.18 7.48
N GLN A 161 -5.96 -19.12 6.67
CA GLN A 161 -7.00 -18.94 5.65
CA GLN A 161 -7.00 -18.93 5.64
C GLN A 161 -6.46 -19.23 4.24
N ARG A 162 -7.38 -19.38 3.29
CA ARG A 162 -7.08 -19.67 1.89
C ARG A 162 -6.82 -18.31 1.22
N LEU A 163 -5.59 -18.07 0.75
CA LEU A 163 -5.18 -16.79 0.21
C LEU A 163 -4.81 -16.96 -1.26
N LYS A 164 -5.02 -15.89 -2.03
CA LYS A 164 -4.68 -15.88 -3.43
C LYS A 164 -3.82 -14.66 -3.75
N ARG A 165 -2.95 -14.81 -4.73
CA ARG A 165 -2.12 -13.71 -5.20
CA ARG A 165 -2.11 -13.71 -5.21
C ARG A 165 -2.94 -12.63 -5.91
N VAL A 166 -2.66 -11.37 -5.60
CA VAL A 166 -3.31 -10.21 -6.23
C VAL A 166 -2.25 -9.20 -6.63
N LEU A 167 -2.41 -8.63 -7.82
CA LEU A 167 -1.57 -7.53 -8.28
C LEU A 167 -2.54 -6.37 -8.55
N PHE A 168 -2.39 -5.30 -7.76
CA PHE A 168 -3.20 -4.08 -7.93
C PHE A 168 -2.48 -3.09 -8.83
N GLU A 169 -3.22 -2.55 -9.79
CA GLU A 169 -2.82 -1.37 -10.54
CA GLU A 169 -2.81 -1.37 -10.53
C GLU A 169 -3.62 -0.21 -9.97
N VAL A 170 -2.94 0.70 -9.30
CA VAL A 170 -3.57 1.73 -8.50
C VAL A 170 -3.46 3.07 -9.22
N LYS A 171 -4.60 3.65 -9.60
CA LYS A 171 -4.62 5.02 -10.10
C LYS A 171 -4.74 5.90 -8.88
N ILE A 172 -3.71 6.72 -8.64
CA ILE A 172 -3.63 7.55 -7.46
C ILE A 172 -3.91 8.99 -7.83
N ASN A 173 -4.99 9.53 -7.28
CA ASN A 173 -5.31 10.95 -7.49
C ASN A 173 -5.46 11.71 -6.17
N GLN A 174 -5.09 11.04 -5.06
CA GLN A 174 -5.15 11.61 -3.72
C GLN A 174 -4.54 10.60 -2.75
N GLY A 175 -4.13 11.06 -1.57
CA GLY A 175 -3.70 10.16 -0.48
C GLY A 175 -2.28 9.60 -0.48
N GLY A 176 -1.70 9.42 -1.66
CA GLY A 176 -0.39 8.78 -1.77
C GLY A 176 0.71 9.81 -1.58
N HIS A 177 1.66 9.49 -0.71
CA HIS A 177 2.85 10.31 -0.56
C HIS A 177 4.09 9.48 -0.79
N THR A 178 5.06 10.01 -1.53
CA THR A 178 6.30 9.30 -1.72
C THR A 178 7.13 9.25 -0.44
N ILE A 179 7.60 8.05 -0.08
CA ILE A 179 8.60 7.92 0.97
C ILE A 179 9.99 7.58 0.42
N ALA A 180 10.14 7.65 -0.90
CA ALA A 180 11.36 7.22 -1.56
C ALA A 180 12.51 8.18 -1.30
N GLY A 181 12.21 9.40 -0.86
CA GLY A 181 13.23 10.40 -0.51
C GLY A 181 13.81 10.16 0.87
N LEU A 182 13.19 9.25 1.63
CA LEU A 182 13.71 8.76 2.92
C LEU A 182 13.85 7.23 2.93
N SER A 183 14.27 6.64 1.81
CA SER A 183 14.51 5.19 1.74
C SER A 183 15.81 4.93 0.96
N GLU A 184 16.94 5.28 1.59
CA GLU A 184 18.26 5.28 0.94
C GLU A 184 18.83 3.86 0.63
N TYR A 185 18.35 2.85 1.33
CA TYR A 185 18.93 1.50 1.22
C TYR A 185 18.29 0.62 0.14
N SER A 186 17.21 1.11 -0.49
CA SER A 186 16.40 0.32 -1.42
C SER A 186 16.20 1.03 -2.77
N LYS A 187 15.61 0.30 -3.69
CA LYS A 187 15.31 0.82 -4.99
C LYS A 187 13.83 0.57 -5.13
N GLU A 188 13.01 0.97 -4.15
CA GLU A 188 11.60 0.53 -4.18
C GLU A 188 10.54 1.50 -4.71
N ALA A 189 10.94 2.75 -4.95
CA ALA A 189 10.04 3.74 -5.56
C ALA A 189 8.68 3.69 -4.87
N GLU A 190 8.75 3.76 -3.56
CA GLU A 190 7.57 3.53 -2.72
C GLU A 190 6.69 4.77 -2.48
N VAL A 191 5.40 4.57 -2.66
CA VAL A 191 4.39 5.55 -2.36
C VAL A 191 3.46 4.93 -1.32
N LEU A 192 3.35 5.60 -0.16
CA LEU A 192 2.65 5.09 1.00
C LEU A 192 1.37 5.87 1.28
N PHE A 193 0.34 5.14 1.74
CA PHE A 193 -0.90 5.71 2.19
C PHE A 193 -1.07 5.52 3.68
N ALA A 194 -1.60 6.55 4.32
CA ALA A 194 -2.03 6.47 5.72
C ALA A 194 -3.09 5.38 5.87
N PRO A 195 -3.33 4.93 7.12
CA PRO A 195 -4.32 3.92 7.36
C PRO A 195 -5.71 4.24 6.89
N ASN A 196 -6.46 3.19 6.61
CA ASN A 196 -7.82 3.32 6.15
C ASN A 196 -8.06 3.87 4.77
N ALA A 197 -7.07 3.70 3.92
CA ALA A 197 -7.20 4.13 2.53
C ALA A 197 -8.31 3.36 1.82
N HIS A 198 -9.10 4.08 1.01
CA HIS A 198 -10.21 3.51 0.26
C HIS A 198 -9.82 3.50 -1.23
N PHE A 199 -10.10 2.36 -1.87
CA PHE A 199 -9.79 2.18 -3.29
C PHE A 199 -10.99 1.55 -3.99
N ARG A 200 -11.49 2.22 -5.04
CA ARG A 200 -12.65 1.76 -5.81
C ARG A 200 -12.19 0.90 -6.98
N ILE A 201 -12.76 -0.28 -7.10
CA ILE A 201 -12.41 -1.19 -8.15
C ILE A 201 -12.95 -0.69 -9.50
N THR A 202 -12.05 -0.57 -10.47
CA THR A 202 -12.43 -0.11 -11.83
C THR A 202 -12.41 -1.26 -12.82
N GLN A 203 -11.63 -2.32 -12.52
CA GLN A 203 -11.52 -3.49 -13.39
C GLN A 203 -10.99 -4.64 -12.59
N ILE A 204 -11.51 -5.84 -12.85
CA ILE A 204 -10.97 -7.03 -12.21
CA ILE A 204 -11.02 -7.07 -12.21
C ILE A 204 -10.84 -8.15 -13.25
N GLU A 205 -9.71 -8.84 -13.20
CA GLU A 205 -9.53 -10.02 -14.03
C GLU A 205 -9.05 -11.17 -13.19
N ARG A 206 -9.71 -12.31 -13.32
CA ARG A 206 -9.33 -13.54 -12.64
C ARG A 206 -8.88 -14.58 -13.66
N THR A 207 -7.60 -14.88 -13.69
CA THR A 207 -7.02 -15.73 -14.74
C THR A 207 -5.91 -16.59 -14.19
N SER A 208 -6.04 -17.89 -14.43
CA SER A 208 -4.98 -18.84 -14.10
C SER A 208 -4.46 -18.73 -12.65
N ASN A 209 -5.40 -18.67 -11.70
CA ASN A 209 -5.11 -18.61 -10.27
C ASN A 209 -4.56 -17.26 -9.75
N HIS A 210 -4.47 -16.26 -10.63
CA HIS A 210 -4.00 -14.93 -10.26
C HIS A 210 -5.14 -13.96 -10.43
N THR A 211 -5.07 -12.82 -9.75
CA THR A 211 -6.11 -11.86 -9.81
C THR A 211 -5.45 -10.51 -10.01
N TYR A 212 -5.95 -9.75 -10.99
CA TYR A 212 -5.45 -8.42 -11.35
C TYR A 212 -6.59 -7.48 -11.10
N ILE A 213 -6.34 -6.44 -10.32
CA ILE A 213 -7.38 -5.51 -9.92
C ILE A 213 -6.92 -4.07 -10.16
N GLY A 214 -7.64 -3.39 -11.05
CA GLY A 214 -7.49 -1.94 -11.28
C GLY A 214 -8.30 -1.26 -10.22
N VAL A 215 -7.67 -0.35 -9.47
CA VAL A 215 -8.38 0.43 -8.48
C VAL A 215 -8.01 1.91 -8.58
N GLU A 216 -8.92 2.76 -8.11
CA GLU A 216 -8.66 4.19 -8.04
CA GLU A 216 -8.65 4.21 -8.04
C GLU A 216 -8.86 4.67 -6.62
N THR A 217 -7.98 5.55 -6.16
CA THR A 217 -8.11 6.13 -4.85
C THR A 217 -9.39 6.95 -4.77
N VAL A 218 -10.13 6.79 -3.68
CA VAL A 218 -11.32 7.59 -3.38
C VAL A 218 -11.34 8.07 -1.92
N LYS A 219 -11.91 9.25 -1.72
CA LYS A 219 -12.11 9.82 -0.40
C LYS A 219 -13.16 9.03 0.36
N ALA A 220 -12.90 8.68 1.61
CA ALA A 220 -13.84 7.82 2.33
C ALA A 220 -15.20 8.51 2.46
N SER A 221 -15.22 9.81 2.70
CA SER A 221 -16.49 10.53 2.84
C SER A 221 -17.32 10.65 1.53
N ALA A 222 -16.69 10.43 0.38
CA ALA A 222 -17.34 10.49 -0.91
C ALA A 222 -17.95 9.16 -1.36
N VAL A 223 -17.66 8.07 -0.67
CA VAL A 223 -18.12 6.76 -1.07
C VAL A 223 -19.61 6.69 -0.73
N LYS A 224 -20.43 6.35 -1.70
CA LYS A 224 -21.88 6.39 -1.53
C LYS A 224 -22.54 5.29 -2.37
N ASN A 225 -23.48 4.58 -1.78
CA ASN A 225 -24.34 3.62 -2.49
C ASN A 225 -23.55 2.53 -3.17
N THR A 226 -22.47 2.11 -2.52
CA THR A 226 -21.74 0.92 -2.95
C THR A 226 -21.47 0.02 -1.72
N GLN A 227 -20.68 -1.01 -1.93
CA GLN A 227 -20.31 -1.93 -0.86
C GLN A 227 -18.83 -1.72 -0.60
N LYS A 228 -18.52 -1.49 0.67
CA LYS A 228 -17.13 -1.43 1.15
C LYS A 228 -16.74 -2.73 1.83
N TYR A 229 -15.49 -3.15 1.64
CA TYR A 229 -14.96 -4.34 2.28
C TYR A 229 -13.64 -3.98 2.94
N ASN A 230 -13.44 -4.52 4.12
CA ASN A 230 -12.10 -4.56 4.73
C ASN A 230 -11.18 -5.53 3.99
N LEU A 231 -10.12 -4.98 3.39
CA LEU A 231 -9.25 -5.76 2.51
C LEU A 231 -8.54 -6.89 3.26
N TYR A 232 -8.28 -6.67 4.56
CA TYR A 232 -7.54 -7.63 5.38
C TYR A 232 -8.45 -8.67 5.96
N SER A 233 -9.48 -8.24 6.67
CA SER A 233 -10.41 -9.21 7.30
C SER A 233 -11.39 -9.83 6.31
N GLY A 234 -11.69 -9.12 5.23
CA GLY A 234 -12.73 -9.56 4.29
C GLY A 234 -14.14 -9.16 4.69
N GLU A 235 -14.30 -8.55 5.86
CA GLU A 235 -15.63 -8.27 6.35
CA GLU A 235 -15.62 -8.22 6.41
C GLU A 235 -16.18 -7.00 5.71
N GLU A 236 -17.50 -6.94 5.59
CA GLU A 236 -18.11 -5.72 5.08
C GLU A 236 -17.87 -4.57 6.05
N VAL A 237 -17.73 -3.36 5.52
CA VAL A 237 -17.60 -2.17 6.32
C VAL A 237 -18.88 -1.37 6.11
N GLU A 238 -19.51 -0.97 7.22
CA GLU A 238 -20.81 -0.29 7.16
C GLU A 238 -20.70 1.04 6.44
N ALA A 239 -21.72 1.34 5.63
CA ALA A 239 -21.79 2.58 4.88
C ALA A 239 -21.75 3.80 5.82
#